data_3VW4
#
_entry.id   3VW4
#
_cell.length_a   47.662
_cell.length_b   61.824
_cell.length_c   273.508
_cell.angle_alpha   90.00
_cell.angle_beta   90.00
_cell.angle_gamma   90.00
#
_symmetry.space_group_name_H-M   'P 21 21 21'
#
loop_
_entity.id
_entity.type
_entity.pdbx_description
1 polymer Rep
2 polymer "DNA (5'-D(P*AP*AP*TP*GP*AP*GP*AP*CP*CP*AP*GP*AP*TP*AP*AP*GP*CP*CP*TP*TP*AP*TP*C)-3')"
3 polymer "DNA (5'-D(P*GP*AP*TP*AP*AP*GP*GP*CP*TP*TP*AP*TP*CP*TP*GP*GP*TP*CP*TP*CP*AP*TP*T)-3')"
4 non-polymer 'SULFATE ION'
5 water water
#
loop_
_entity_poly.entity_id
_entity_poly.type
_entity_poly.pdbx_seq_one_letter_code
_entity_poly.pdbx_strand_id
1 'polypeptide(L)'
;MGHHHHHHRNYHLFEKVRKWAYRAIRQGWPVFSQWLDAVIQRVEMYNASLPVPLSPAECRAIGKSIAKYTHRKFSPEGFS
AVQAARGRKGGTKSKRAAVPTSARSLKPWEALGISRATYYRKLKCDPD
;
A,B
2 'polydeoxyribonucleotide'
;(DA)(DA)(DT)(DG)(DA)(DG)(DA)(DC)(DC)(DA)(DG)(DA)(DT)(DA)(DA)(DG)(DC)(DC)(DT)(DT)
(DA)(DT)(DC)
;
C,E
3 'polydeoxyribonucleotide'
;(DG)(DA)(DT)(DA)(DA)(DG)(DG)(DC)(DT)(DT)(DA)(DT)(DC)(DT)(DG)(DG)(DT)(DC)(DT)(DC)
(DA)(DT)(DT)
;
D,F
#
loop_
_chem_comp.id
_chem_comp.type
_chem_comp.name
_chem_comp.formula
DA DNA linking 2'-DEOXYADENOSINE-5'-MONOPHOSPHATE 'C10 H14 N5 O6 P'
DC DNA linking 2'-DEOXYCYTIDINE-5'-MONOPHOSPHATE 'C9 H14 N3 O7 P'
DG DNA linking 2'-DEOXYGUANOSINE-5'-MONOPHOSPHATE 'C10 H14 N5 O7 P'
DT DNA linking THYMIDINE-5'-MONOPHOSPHATE 'C10 H15 N2 O8 P'
SO4 non-polymer 'SULFATE ION' 'O4 S -2'
#
# COMPACT_ATOMS: atom_id res chain seq x y z
N HIS A 4 24.57 24.44 -5.69
CA HIS A 4 24.46 23.30 -4.72
C HIS A 4 23.03 22.94 -4.42
N HIS A 5 22.46 21.96 -5.10
CA HIS A 5 21.07 21.54 -4.80
C HIS A 5 21.18 20.49 -3.73
N HIS A 6 20.20 20.40 -2.81
CA HIS A 6 20.35 19.42 -1.73
C HIS A 6 19.30 18.40 -1.80
N HIS A 7 19.48 17.38 -2.61
CA HIS A 7 18.38 16.54 -2.94
C HIS A 7 17.86 15.73 -1.81
N HIS A 8 18.76 15.30 -0.92
CA HIS A 8 18.27 14.36 0.12
C HIS A 8 17.43 15.06 1.13
N ARG A 9 17.89 16.19 1.65
CA ARG A 9 17.12 16.79 2.71
C ARG A 9 15.86 17.38 2.10
N ASN A 10 15.99 17.95 0.90
CA ASN A 10 14.82 18.45 0.24
C ASN A 10 13.73 17.38 0.18
N TYR A 11 14.05 16.24 -0.42
CA TYR A 11 13.16 15.09 -0.45
C TYR A 11 12.48 14.85 0.90
N HIS A 12 13.30 14.70 1.87
CA HIS A 12 12.83 14.29 3.12
C HIS A 12 11.86 15.30 3.64
N LEU A 13 12.19 16.56 3.51
CA LEU A 13 11.22 17.56 3.89
C LEU A 13 9.97 17.50 3.00
N PHE A 14 10.09 17.40 1.68
CA PHE A 14 8.92 17.45 0.80
C PHE A 14 8.05 16.27 1.09
N GLU A 15 8.62 15.13 1.37
CA GLU A 15 7.80 13.89 1.61
C GLU A 15 7.06 13.96 2.95
N LYS A 16 7.79 14.27 4.04
CA LYS A 16 7.21 14.41 5.37
C LYS A 16 6.01 15.36 5.34
N VAL A 17 6.28 16.61 5.02
CA VAL A 17 5.28 17.63 5.06
C VAL A 17 4.09 17.39 4.08
N ARG A 18 4.33 16.83 2.89
CA ARG A 18 3.20 16.76 1.97
C ARG A 18 2.15 15.82 2.55
N LYS A 19 2.61 14.82 3.26
CA LYS A 19 1.72 13.81 3.80
C LYS A 19 0.90 14.38 4.94
N TRP A 20 1.54 15.30 5.67
CA TRP A 20 0.93 15.97 6.80
C TRP A 20 -0.12 16.94 6.28
N ALA A 21 0.26 17.84 5.37
CA ALA A 21 -0.64 18.71 4.70
C ALA A 21 -1.91 18.14 4.05
N TYR A 22 -1.85 16.93 3.50
CA TYR A 22 -3.04 16.42 2.88
C TYR A 22 -4.14 16.31 3.92
N ARG A 23 -3.74 15.93 5.12
CA ARG A 23 -4.65 15.72 6.23
C ARG A 23 -4.96 17.03 6.97
N ALA A 24 -3.97 17.90 7.17
CA ALA A 24 -4.13 19.07 7.97
C ALA A 24 -5.04 20.14 7.35
N ILE A 25 -5.11 20.22 6.01
CA ILE A 25 -5.85 21.26 5.31
C ILE A 25 -7.32 21.21 5.75
N ARG A 26 -7.80 20.01 6.05
CA ARG A 26 -9.15 19.84 6.53
C ARG A 26 -9.38 20.45 7.92
N GLN A 27 -8.33 20.88 8.60
CA GLN A 27 -8.59 21.44 9.94
C GLN A 27 -8.77 22.90 9.83
N GLY A 28 -9.88 23.36 9.29
CA GLY A 28 -10.08 24.77 9.16
C GLY A 28 -10.17 25.27 7.74
N TRP A 29 -9.57 24.56 6.78
CA TRP A 29 -9.52 24.97 5.37
C TRP A 29 -9.00 26.38 5.36
N PRO A 30 -7.83 26.60 5.96
CA PRO A 30 -7.36 27.99 5.99
C PRO A 30 -7.25 28.59 4.56
N VAL A 31 -7.68 29.84 4.37
CA VAL A 31 -7.51 30.54 3.12
C VAL A 31 -6.10 30.47 2.69
N PHE A 32 -5.83 30.65 1.41
CA PHE A 32 -4.44 30.47 0.92
C PHE A 32 -3.30 31.18 1.70
N SER A 33 -3.41 32.50 1.92
CA SER A 33 -2.28 33.22 2.51
C SER A 33 -1.91 32.63 3.86
N GLN A 34 -2.91 32.10 4.58
CA GLN A 34 -2.63 31.54 5.89
C GLN A 34 -2.05 30.12 5.77
N TRP A 35 -2.59 29.36 4.84
CA TRP A 35 -2.16 28.03 4.56
C TRP A 35 -0.71 28.07 4.10
N LEU A 36 -0.34 29.10 3.37
CA LEU A 36 1.01 29.12 2.83
C LEU A 36 1.92 29.25 4.01
N ASP A 37 1.58 30.16 4.94
CA ASP A 37 2.42 30.35 6.09
C ASP A 37 2.44 29.07 6.94
N ALA A 38 1.28 28.44 7.10
CA ALA A 38 1.18 27.22 7.86
C ALA A 38 2.15 26.12 7.39
N VAL A 39 2.22 25.89 6.08
CA VAL A 39 2.95 24.77 5.58
C VAL A 39 4.45 25.05 5.65
N ILE A 40 4.87 26.22 5.17
CA ILE A 40 6.24 26.64 5.38
C ILE A 40 6.66 26.45 6.83
N GLN A 41 5.80 26.82 7.76
CA GLN A 41 6.16 26.73 9.15
C GLN A 41 6.35 25.26 9.58
N ARG A 42 5.55 24.36 9.02
CA ARG A 42 5.79 22.95 9.24
C ARG A 42 7.08 22.40 8.56
N VAL A 43 7.46 23.01 7.44
CA VAL A 43 8.71 22.65 6.81
C VAL A 43 9.84 23.12 7.72
N GLU A 44 9.72 24.32 8.27
CA GLU A 44 10.72 24.79 9.22
C GLU A 44 10.84 23.92 10.51
N MET A 45 9.76 23.32 10.97
CA MET A 45 9.91 22.61 12.19
C MET A 45 10.71 21.33 11.93
N TYR A 46 10.43 20.65 10.82
CA TYR A 46 11.25 19.46 10.51
C TYR A 46 12.71 19.80 10.23
N ASN A 47 12.92 20.94 9.59
CA ASN A 47 14.21 21.33 9.13
C ASN A 47 15.11 21.56 10.33
N ALA A 48 14.55 22.09 11.40
CA ALA A 48 15.31 22.51 12.56
C ALA A 48 15.83 21.26 13.31
N SER A 49 15.10 20.17 13.15
CA SER A 49 15.55 18.85 13.46
C SER A 49 16.83 18.30 12.79
N LEU A 50 17.03 18.55 11.51
CA LEU A 50 18.16 17.98 10.81
C LEU A 50 19.43 18.49 11.42
N PRO A 51 20.47 17.67 11.42
CA PRO A 51 21.74 18.09 11.93
C PRO A 51 22.27 19.33 11.16
N VAL A 52 22.06 19.35 9.84
CA VAL A 52 22.47 20.48 9.05
C VAL A 52 21.28 20.99 8.29
N PRO A 53 20.51 21.85 8.92
CA PRO A 53 19.23 22.36 8.32
C PRO A 53 19.48 23.09 7.01
N LEU A 54 18.52 23.02 6.09
CA LEU A 54 18.53 23.87 4.91
C LEU A 54 18.26 25.34 5.25
N SER A 55 18.43 26.21 4.29
CA SER A 55 18.23 27.56 4.51
C SER A 55 16.75 27.88 4.60
N PRO A 56 16.43 29.03 5.18
CA PRO A 56 15.02 29.53 5.20
C PRO A 56 14.44 29.70 3.81
N ALA A 57 15.21 30.25 2.86
CA ALA A 57 14.75 30.31 1.47
C ALA A 57 14.36 28.93 0.92
N GLU A 58 15.12 27.89 1.24
CA GLU A 58 14.76 26.60 0.65
C GLU A 58 13.46 26.02 1.24
N CYS A 59 13.36 26.06 2.58
CA CYS A 59 12.13 25.87 3.28
C CYS A 59 10.91 26.56 2.69
N ARG A 60 11.03 27.83 2.32
CA ARG A 60 9.90 28.54 1.68
C ARG A 60 9.52 27.93 0.38
N ALA A 61 10.51 27.63 -0.43
CA ALA A 61 10.25 27.05 -1.74
C ALA A 61 9.51 25.70 -1.58
N ILE A 62 10.00 24.78 -0.74
CA ILE A 62 9.38 23.48 -0.66
C ILE A 62 7.95 23.67 -0.09
N GLY A 63 7.86 24.58 0.83
CA GLY A 63 6.58 24.91 1.40
C GLY A 63 5.60 25.53 0.43
N LYS A 64 6.06 26.44 -0.44
CA LYS A 64 5.18 27.08 -1.41
C LYS A 64 4.58 26.01 -2.35
N SER A 65 5.44 25.09 -2.74
CA SER A 65 5.08 24.00 -3.59
C SER A 65 3.91 23.19 -3.00
N ILE A 66 4.00 22.78 -1.73
CA ILE A 66 2.99 21.91 -1.17
C ILE A 66 1.66 22.67 -1.05
N ALA A 67 1.83 23.93 -0.69
CA ALA A 67 0.68 24.70 -0.32
C ALA A 67 -0.04 25.10 -1.60
N LYS A 68 0.66 25.34 -2.69
CA LYS A 68 -0.11 25.64 -3.88
C LYS A 68 -0.81 24.43 -4.38
N TYR A 69 -0.13 23.31 -4.42
CA TYR A 69 -0.75 22.10 -4.92
C TYR A 69 -1.97 21.74 -4.09
N THR A 70 -1.81 21.69 -2.77
CA THR A 70 -2.87 21.24 -1.90
C THR A 70 -4.01 22.26 -1.82
N HIS A 71 -3.73 23.55 -1.85
CA HIS A 71 -4.85 24.55 -1.84
C HIS A 71 -5.67 24.41 -3.07
N ARG A 72 -5.01 24.16 -4.22
CA ARG A 72 -5.69 24.07 -5.47
C ARG A 72 -6.45 22.77 -5.61
N LYS A 73 -5.89 21.65 -5.13
CA LYS A 73 -6.59 20.38 -5.43
C LYS A 73 -7.55 19.83 -4.37
N PHE A 74 -7.45 20.32 -3.13
CA PHE A 74 -8.20 19.71 -2.05
C PHE A 74 -9.53 20.46 -1.71
N SER A 75 -10.53 19.75 -1.26
CA SER A 75 -11.75 20.46 -0.92
C SER A 75 -12.62 19.53 -0.15
N PRO A 76 -13.57 20.05 0.57
CA PRO A 76 -14.49 19.07 1.18
C PRO A 76 -15.11 18.05 0.22
N GLU A 77 -15.56 18.44 -0.98
CA GLU A 77 -16.22 17.50 -1.93
C GLU A 77 -15.17 16.44 -2.27
N GLY A 78 -13.96 16.97 -2.59
CA GLY A 78 -12.75 16.20 -2.73
C GLY A 78 -12.63 15.07 -1.72
N PHE A 79 -12.68 15.36 -0.40
CA PHE A 79 -12.56 14.36 0.65
C PHE A 79 -13.69 13.38 0.60
N SER A 80 -14.92 13.83 0.44
CA SER A 80 -15.99 12.83 0.20
C SER A 80 -15.75 11.86 -0.92
N ALA A 81 -15.43 12.36 -2.09
CA ALA A 81 -15.06 11.51 -3.22
C ALA A 81 -14.01 10.42 -2.80
N VAL A 82 -12.84 10.78 -2.26
CA VAL A 82 -11.98 9.75 -1.73
C VAL A 82 -12.69 8.78 -0.75
N GLN A 83 -13.43 9.30 0.21
CA GLN A 83 -14.00 8.43 1.22
C GLN A 83 -15.09 7.57 0.60
N ALA A 84 -15.72 8.03 -0.48
CA ALA A 84 -16.73 7.19 -1.14
C ALA A 84 -16.04 6.09 -1.93
N ALA A 85 -14.90 6.37 -2.53
CA ALA A 85 -14.22 5.36 -3.30
C ALA A 85 -13.75 4.25 -2.35
N ARG A 86 -13.00 4.62 -1.29
CA ARG A 86 -12.55 3.64 -0.25
C ARG A 86 -13.76 2.90 0.36
N GLY A 87 -14.79 3.63 0.74
CA GLY A 87 -15.93 3.00 1.33
C GLY A 87 -16.52 2.00 0.37
N ARG A 88 -16.37 2.22 -0.94
CA ARG A 88 -16.95 1.31 -1.91
C ARG A 88 -16.21 -0.03 -1.87
N LYS A 89 -14.89 0.03 -1.83
CA LYS A 89 -14.03 -1.16 -1.73
C LYS A 89 -14.45 -1.90 -0.47
N GLY A 90 -14.55 -1.14 0.63
CA GLY A 90 -14.81 -1.64 1.99
C GLY A 90 -16.14 -2.36 2.17
N GLY A 91 -17.22 -1.73 1.80
CA GLY A 91 -18.52 -2.40 1.84
C GLY A 91 -18.61 -3.63 0.97
N THR A 92 -17.82 -3.66 -0.10
CA THR A 92 -17.81 -4.75 -1.04
C THR A 92 -17.20 -6.02 -0.49
N LYS A 93 -16.05 -5.94 0.20
CA LYS A 93 -15.45 -7.15 0.74
C LYS A 93 -15.68 -7.29 2.23
N SER A 94 -16.88 -6.97 2.67
CA SER A 94 -17.23 -6.99 4.07
C SER A 94 -18.59 -7.65 4.24
N LYS A 95 -18.65 -8.56 5.22
CA LYS A 95 -19.84 -9.37 5.48
C LYS A 95 -20.29 -9.20 6.94
N ARG A 96 -21.58 -8.96 7.14
CA ARG A 96 -22.17 -9.04 8.47
C ARG A 96 -22.45 -10.45 9.06
N ALA A 97 -21.85 -10.75 10.21
CA ALA A 97 -22.13 -11.98 10.99
C ALA A 97 -23.47 -11.90 11.76
N ALA A 98 -24.06 -13.05 12.10
CA ALA A 98 -25.36 -13.06 12.85
C ALA A 98 -25.18 -12.42 14.21
N VAL A 99 -26.19 -11.69 14.70
CA VAL A 99 -26.07 -11.08 16.03
C VAL A 99 -26.58 -12.08 17.03
N PRO A 100 -25.84 -12.33 18.13
CA PRO A 100 -26.14 -13.59 18.80
C PRO A 100 -27.44 -13.52 19.63
N THR A 101 -27.86 -12.33 20.05
CA THR A 101 -29.02 -12.21 20.95
C THR A 101 -30.37 -12.02 20.20
N SER A 102 -30.43 -12.36 18.92
CA SER A 102 -31.65 -12.14 18.11
C SER A 102 -32.51 -13.42 17.92
N ALA A 103 -33.83 -13.23 17.79
CA ALA A 103 -34.76 -14.32 17.47
C ALA A 103 -34.22 -15.21 16.37
N ARG A 104 -33.76 -14.61 15.28
CA ARG A 104 -33.10 -15.34 14.21
C ARG A 104 -31.96 -16.23 14.73
N SER A 105 -31.24 -15.82 15.76
CA SER A 105 -30.08 -16.57 16.21
C SER A 105 -30.34 -17.58 17.33
N LEU A 106 -31.10 -17.16 18.33
CA LEU A 106 -31.54 -18.05 19.41
C LEU A 106 -32.50 -19.17 18.95
N LYS A 107 -33.16 -18.94 17.81
CA LYS A 107 -34.10 -19.88 17.21
C LYS A 107 -35.04 -20.53 18.26
N PRO A 108 -36.01 -19.74 18.78
CA PRO A 108 -36.92 -20.26 19.79
C PRO A 108 -37.87 -21.33 19.27
N TRP A 109 -38.19 -21.28 17.99
CA TRP A 109 -39.09 -22.26 17.39
C TRP A 109 -38.52 -23.65 17.45
N GLU A 110 -37.22 -23.77 17.21
CA GLU A 110 -36.51 -25.04 17.35
C GLU A 110 -36.69 -25.62 18.73
N ALA A 111 -36.66 -24.77 19.75
CA ALA A 111 -36.83 -25.22 21.14
C ALA A 111 -38.30 -25.46 21.49
N LEU A 112 -39.18 -24.70 20.83
CA LEU A 112 -40.62 -24.92 20.94
C LEU A 112 -41.12 -26.08 20.10
N GLY A 113 -40.22 -26.77 19.42
CA GLY A 113 -40.59 -27.93 18.63
C GLY A 113 -41.11 -27.63 17.23
N ILE A 114 -41.64 -26.42 17.01
CA ILE A 114 -42.23 -26.08 15.72
C ILE A 114 -41.20 -25.40 14.81
N SER A 115 -41.60 -24.89 13.64
CA SER A 115 -40.64 -24.25 12.70
C SER A 115 -40.82 -22.73 12.56
N ARG A 116 -39.81 -22.03 11.98
CA ARG A 116 -39.80 -20.55 11.80
C ARG A 116 -41.18 -20.07 11.42
N ALA A 117 -41.69 -20.63 10.33
CA ALA A 117 -42.91 -20.13 9.72
C ALA A 117 -44.14 -20.29 10.62
N THR A 118 -44.28 -21.45 11.30
CA THR A 118 -45.35 -21.64 12.30
C THR A 118 -45.26 -20.68 13.49
N TYR A 119 -44.06 -20.50 14.02
CA TYR A 119 -43.80 -19.51 15.08
C TYR A 119 -44.30 -18.14 14.69
N TYR A 120 -44.02 -17.72 13.48
CA TYR A 120 -44.50 -16.40 13.08
C TYR A 120 -45.97 -16.29 12.73
N ARG A 121 -46.54 -17.37 12.21
CA ARG A 121 -47.99 -17.41 12.03
C ARG A 121 -48.74 -17.35 13.37
N LYS A 122 -48.23 -18.06 14.38
CA LYS A 122 -48.83 -18.07 15.71
C LYS A 122 -48.74 -16.73 16.47
N LEU A 123 -48.10 -15.73 15.88
CA LEU A 123 -47.95 -14.48 16.59
C LEU A 123 -48.95 -13.40 16.22
N LYS A 124 -49.32 -13.33 14.93
CA LYS A 124 -50.33 -12.38 14.47
C LYS A 124 -51.58 -12.42 15.36
N CYS A 125 -52.12 -13.61 15.58
CA CYS A 125 -53.24 -13.93 16.52
C CYS A 125 -53.56 -12.84 17.56
N HIS B 5 14.01 25.15 -10.05
CA HIS B 5 12.64 24.91 -9.53
C HIS B 5 11.91 23.79 -10.27
N HIS B 6 11.44 24.05 -11.49
CA HIS B 6 10.32 23.34 -12.14
C HIS B 6 9.94 21.84 -11.97
N HIS B 7 10.60 20.88 -12.65
CA HIS B 7 9.97 19.55 -12.76
C HIS B 7 10.38 18.48 -11.81
N HIS B 8 11.44 18.72 -11.02
CA HIS B 8 12.11 17.70 -10.13
C HIS B 8 12.49 16.43 -10.79
N ARG B 9 13.25 16.58 -11.84
CA ARG B 9 13.75 15.45 -12.59
C ARG B 9 14.44 14.44 -11.71
N ASN B 10 15.33 14.91 -10.85
CA ASN B 10 16.11 14.02 -9.98
C ASN B 10 15.21 13.26 -8.94
N TYR B 11 14.34 13.95 -8.20
CA TYR B 11 13.29 13.28 -7.42
C TYR B 11 12.60 12.20 -8.29
N HIS B 12 12.34 12.55 -9.53
CA HIS B 12 11.52 11.63 -10.26
C HIS B 12 12.23 10.33 -10.61
N LEU B 13 13.46 10.46 -11.07
CA LEU B 13 14.37 9.35 -11.36
C LEU B 13 14.72 8.59 -10.11
N PHE B 14 14.95 9.29 -9.00
CA PHE B 14 15.27 8.59 -7.80
C PHE B 14 14.09 7.68 -7.44
N GLU B 15 12.86 8.19 -7.59
CA GLU B 15 11.66 7.41 -7.31
C GLU B 15 11.47 6.17 -8.17
N LYS B 16 11.65 6.35 -9.46
CA LYS B 16 11.39 5.32 -10.45
C LYS B 16 12.41 4.21 -10.25
N VAL B 17 13.68 4.56 -10.16
CA VAL B 17 14.66 3.55 -10.15
C VAL B 17 14.74 2.81 -8.77
N ARG B 18 14.31 3.43 -7.64
CA ARG B 18 14.66 2.77 -6.40
C ARG B 18 13.73 1.61 -6.34
N LYS B 19 12.58 1.80 -6.91
CA LYS B 19 11.57 0.79 -6.80
C LYS B 19 11.87 -0.39 -7.74
N TRP B 20 12.56 -0.10 -8.85
CA TRP B 20 13.10 -1.13 -9.65
C TRP B 20 14.26 -1.86 -8.86
N ALA B 21 15.25 -1.13 -8.36
CA ALA B 21 16.37 -1.76 -7.68
C ALA B 21 15.97 -2.71 -6.57
N TYR B 22 15.00 -2.35 -5.74
CA TYR B 22 14.52 -3.28 -4.71
C TYR B 22 14.26 -4.70 -5.22
N ARG B 23 13.81 -4.80 -6.46
CA ARG B 23 13.34 -6.06 -6.98
C ARG B 23 14.42 -6.73 -7.90
N ALA B 24 15.23 -5.92 -8.54
CA ALA B 24 16.08 -6.39 -9.59
C ALA B 24 17.35 -6.93 -8.98
N ILE B 25 17.74 -6.37 -7.85
CA ILE B 25 18.89 -6.93 -7.09
C ILE B 25 18.76 -8.44 -6.91
N ARG B 26 17.57 -9.01 -7.04
CA ARG B 26 17.38 -10.43 -6.86
C ARG B 26 17.83 -11.24 -8.12
N GLN B 27 17.91 -10.58 -9.27
CA GLN B 27 18.32 -11.22 -10.48
C GLN B 27 19.82 -11.48 -10.37
N GLY B 28 20.17 -12.62 -9.82
CA GLY B 28 21.56 -13.00 -9.48
C GLY B 28 22.43 -12.10 -8.59
N TRP B 29 21.87 -11.30 -7.63
CA TRP B 29 22.63 -10.71 -6.47
C TRP B 29 24.04 -10.31 -6.75
N PRO B 30 24.19 -9.46 -7.71
CA PRO B 30 25.52 -9.29 -8.24
C PRO B 30 26.48 -8.61 -7.25
N VAL B 31 27.78 -8.90 -7.37
CA VAL B 31 28.79 -8.03 -6.76
C VAL B 31 28.62 -6.50 -6.98
N PHE B 32 29.18 -5.74 -6.05
CA PHE B 32 28.89 -4.32 -5.97
C PHE B 32 29.24 -3.53 -7.24
N SER B 33 30.48 -3.63 -7.71
CA SER B 33 30.91 -2.90 -8.91
C SER B 33 29.94 -3.15 -10.03
N GLN B 34 29.52 -4.39 -10.17
CA GLN B 34 28.52 -4.77 -11.16
C GLN B 34 27.15 -4.16 -10.84
N TRP B 35 26.74 -4.28 -9.60
CA TRP B 35 25.51 -3.73 -9.24
C TRP B 35 25.51 -2.22 -9.37
N LEU B 36 26.56 -1.56 -8.87
CA LEU B 36 26.68 -0.12 -9.04
C LEU B 36 26.46 0.32 -10.48
N ASP B 37 27.02 -0.45 -11.41
CA ASP B 37 26.89 -0.17 -12.83
C ASP B 37 25.49 -0.44 -13.38
N ALA B 38 24.87 -1.55 -13.01
CA ALA B 38 23.53 -1.80 -13.45
C ALA B 38 22.59 -0.64 -12.98
N VAL B 39 22.65 -0.21 -11.72
CA VAL B 39 21.75 0.80 -11.22
C VAL B 39 21.95 2.15 -11.96
N ILE B 40 23.20 2.54 -12.19
CA ILE B 40 23.49 3.79 -12.82
C ILE B 40 22.90 3.73 -14.24
N GLN B 41 23.08 2.56 -14.84
CA GLN B 41 22.62 2.36 -16.17
C GLN B 41 21.11 2.57 -16.16
N ARG B 42 20.46 2.09 -15.12
CA ARG B 42 19.05 2.26 -15.07
C ARG B 42 18.55 3.74 -15.00
N VAL B 43 19.25 4.51 -14.16
CA VAL B 43 19.00 5.90 -14.05
C VAL B 43 19.16 6.50 -15.44
N GLU B 44 20.14 6.02 -16.19
CA GLU B 44 20.49 6.68 -17.46
C GLU B 44 19.51 6.27 -18.57
N MET B 45 18.89 5.10 -18.41
CA MET B 45 17.82 4.68 -19.32
C MET B 45 16.57 5.47 -19.10
N TYR B 46 16.20 5.73 -17.84
CA TYR B 46 15.05 6.61 -17.64
C TYR B 46 15.36 8.04 -18.01
N ASN B 47 16.56 8.53 -17.66
CA ASN B 47 16.96 9.89 -17.99
C ASN B 47 16.90 10.20 -19.46
N ALA B 48 16.95 9.16 -20.29
CA ALA B 48 17.07 9.37 -21.71
C ALA B 48 15.71 9.69 -22.28
N SER B 49 14.70 9.28 -21.53
CA SER B 49 13.31 9.57 -21.77
C SER B 49 12.86 10.96 -21.45
N LEU B 50 13.60 11.66 -20.58
CA LEU B 50 13.28 13.01 -20.24
C LEU B 50 13.56 13.97 -21.41
N PRO B 51 12.59 14.87 -21.73
CA PRO B 51 12.82 15.81 -22.81
C PRO B 51 13.97 16.70 -22.52
N VAL B 52 14.36 16.86 -21.25
CA VAL B 52 15.57 17.66 -20.94
C VAL B 52 16.31 16.93 -19.88
N PRO B 53 17.33 16.21 -20.28
CA PRO B 53 17.80 15.15 -19.41
C PRO B 53 18.82 15.71 -18.50
N LEU B 54 18.99 15.11 -17.32
CA LEU B 54 20.03 15.50 -16.40
C LEU B 54 21.43 15.16 -16.97
N SER B 55 22.47 15.66 -16.35
CA SER B 55 23.82 15.38 -16.79
C SER B 55 24.23 13.94 -16.40
N PRO B 56 25.31 13.42 -17.01
CA PRO B 56 25.60 12.05 -16.61
C PRO B 56 26.22 11.98 -15.19
N ALA B 57 26.92 13.04 -14.76
CA ALA B 57 27.34 13.04 -13.35
C ALA B 57 26.14 12.98 -12.42
N GLU B 58 25.06 13.66 -12.77
CA GLU B 58 24.02 13.63 -11.89
C GLU B 58 23.42 12.22 -11.80
N CYS B 59 23.23 11.60 -12.95
CA CYS B 59 22.76 10.24 -12.98
C CYS B 59 23.72 9.32 -12.20
N ARG B 60 25.03 9.48 -12.27
CA ARG B 60 25.86 8.67 -11.40
C ARG B 60 25.51 8.78 -9.89
N ALA B 61 25.22 10.02 -9.48
CA ALA B 61 25.00 10.34 -8.09
C ALA B 61 23.72 9.68 -7.62
N ILE B 62 22.64 9.70 -8.44
CA ILE B 62 21.42 9.00 -8.08
C ILE B 62 21.69 7.46 -8.02
N GLY B 63 22.33 6.92 -9.06
CA GLY B 63 22.60 5.48 -9.06
C GLY B 63 23.47 5.04 -7.87
N LYS B 64 24.48 5.85 -7.55
CA LYS B 64 25.46 5.47 -6.53
C LYS B 64 24.67 5.35 -5.24
N SER B 65 23.77 6.31 -5.10
CA SER B 65 22.97 6.39 -3.92
C SER B 65 22.08 5.15 -3.81
N ILE B 66 21.35 4.80 -4.88
CA ILE B 66 20.45 3.66 -4.77
C ILE B 66 21.21 2.29 -4.62
N ALA B 67 22.34 2.15 -5.32
CA ALA B 67 23.11 0.96 -5.25
C ALA B 67 23.71 0.73 -3.81
N LYS B 68 24.22 1.79 -3.18
CA LYS B 68 24.83 1.59 -1.82
C LYS B 68 23.77 1.20 -0.79
N TYR B 69 22.63 1.84 -0.86
CA TYR B 69 21.58 1.58 0.03
C TYR B 69 21.14 0.13 -0.16
N THR B 70 20.87 -0.25 -1.40
CA THR B 70 20.33 -1.55 -1.61
C THR B 70 21.37 -2.60 -1.27
N HIS B 71 22.60 -2.39 -1.70
CA HIS B 71 23.65 -3.30 -1.35
C HIS B 71 23.83 -3.33 0.13
N ARG B 72 23.60 -2.23 0.82
CA ARG B 72 23.81 -2.24 2.25
C ARG B 72 22.75 -3.03 2.94
N LYS B 73 21.45 -2.88 2.55
CA LYS B 73 20.37 -3.46 3.34
C LYS B 73 19.82 -4.79 2.87
N PHE B 74 20.01 -5.10 1.59
CA PHE B 74 19.19 -6.22 1.06
C PHE B 74 20.02 -7.45 0.97
N SER B 75 19.39 -8.61 1.03
CA SER B 75 20.17 -9.83 1.03
C SER B 75 19.22 -10.99 0.75
N PRO B 76 19.77 -12.11 0.24
CA PRO B 76 18.82 -13.25 0.08
C PRO B 76 18.21 -13.59 1.42
N GLU B 77 18.99 -13.64 2.50
CA GLU B 77 18.39 -13.86 3.81
C GLU B 77 17.23 -12.91 4.15
N GLY B 78 17.42 -11.62 3.85
CA GLY B 78 16.39 -10.57 3.94
C GLY B 78 15.14 -10.94 3.22
N PHE B 79 15.30 -11.46 2.01
CA PHE B 79 14.14 -11.62 1.22
C PHE B 79 13.36 -12.81 1.76
N SER B 80 14.07 -13.87 2.13
CA SER B 80 13.43 -14.96 2.82
C SER B 80 12.62 -14.40 4.01
N ALA B 81 13.21 -13.59 4.91
CA ALA B 81 12.38 -13.12 6.04
C ALA B 81 11.11 -12.31 5.59
N VAL B 82 11.21 -11.36 4.65
CA VAL B 82 9.99 -10.68 4.27
C VAL B 82 8.99 -11.66 3.69
N GLN B 83 9.45 -12.53 2.79
CA GLN B 83 8.56 -13.56 2.28
C GLN B 83 7.98 -14.43 3.39
N ALA B 84 8.70 -14.60 4.51
CA ALA B 84 8.09 -15.44 5.56
C ALA B 84 7.10 -14.66 6.44
N ALA B 85 7.36 -13.39 6.74
CA ALA B 85 6.37 -12.59 7.50
C ALA B 85 5.07 -12.43 6.65
N ARG B 86 5.20 -11.97 5.40
CA ARG B 86 4.08 -11.99 4.48
C ARG B 86 3.37 -13.33 4.41
N GLY B 87 4.14 -14.38 4.23
CA GLY B 87 3.50 -15.67 4.02
C GLY B 87 2.75 -16.25 5.22
N ARG B 88 3.20 -15.89 6.43
CA ARG B 88 2.53 -16.21 7.67
C ARG B 88 1.13 -15.60 7.64
N LYS B 89 1.02 -14.29 7.42
CA LYS B 89 -0.28 -13.60 7.45
C LYS B 89 -1.14 -14.19 6.33
N GLY B 90 -0.56 -14.24 5.14
CA GLY B 90 -1.32 -14.68 3.97
C GLY B 90 -2.02 -16.01 4.12
N GLY B 91 -1.48 -16.82 5.01
CA GLY B 91 -1.80 -18.20 5.17
C GLY B 91 -2.51 -18.43 6.46
N THR B 92 -2.45 -17.50 7.41
CA THR B 92 -3.44 -17.63 8.46
C THR B 92 -4.81 -17.11 7.90
N LYS B 93 -4.80 -16.35 6.80
CA LYS B 93 -6.06 -15.88 6.25
C LYS B 93 -6.61 -16.82 5.15
N SER B 94 -5.72 -17.48 4.41
CA SER B 94 -6.16 -18.37 3.34
C SER B 94 -6.86 -19.61 3.85
N LYS B 95 -7.79 -20.11 3.03
CA LYS B 95 -8.54 -21.36 3.23
C LYS B 95 -8.63 -22.20 1.93
N ARG B 96 -8.64 -23.51 2.07
CA ARG B 96 -8.68 -24.42 0.92
C ARG B 96 -10.08 -24.79 0.44
N ALA B 97 -10.27 -24.69 -0.88
CA ALA B 97 -11.53 -25.09 -1.51
C ALA B 97 -11.34 -26.46 -2.16
N ALA B 98 -12.41 -27.23 -2.28
CA ALA B 98 -12.26 -28.60 -2.75
C ALA B 98 -11.78 -28.69 -4.20
N VAL B 99 -10.99 -29.71 -4.53
CA VAL B 99 -10.65 -29.96 -5.93
C VAL B 99 -11.94 -30.41 -6.64
N PRO B 100 -12.33 -29.68 -7.70
CA PRO B 100 -13.64 -30.01 -8.28
C PRO B 100 -13.63 -31.44 -8.83
N THR B 101 -12.49 -31.89 -9.32
CA THR B 101 -12.36 -33.17 -9.99
C THR B 101 -11.84 -34.32 -9.08
N SER B 102 -12.11 -34.26 -7.78
CA SER B 102 -11.64 -35.29 -6.87
C SER B 102 -12.77 -36.13 -6.29
N ALA B 103 -12.52 -37.42 -6.11
CA ALA B 103 -13.49 -38.36 -5.52
C ALA B 103 -14.27 -37.70 -4.38
N ARG B 104 -13.53 -37.14 -3.42
CA ARG B 104 -14.12 -36.43 -2.32
C ARG B 104 -15.22 -35.49 -2.79
N SER B 105 -15.03 -34.84 -3.93
CA SER B 105 -15.96 -33.82 -4.40
C SER B 105 -17.02 -34.33 -5.36
N LEU B 106 -16.63 -35.26 -6.25
CA LEU B 106 -17.53 -35.80 -7.27
C LEU B 106 -18.39 -36.92 -6.71
N LYS B 107 -18.10 -37.26 -5.46
CA LYS B 107 -18.85 -38.25 -4.69
C LYS B 107 -19.41 -39.37 -5.55
N PRO B 108 -18.55 -40.24 -6.10
CA PRO B 108 -19.10 -41.30 -6.94
C PRO B 108 -19.93 -42.30 -6.13
N TRP B 109 -19.52 -42.57 -4.90
CA TRP B 109 -20.35 -43.31 -3.95
C TRP B 109 -21.81 -42.90 -3.99
N GLU B 110 -22.11 -41.62 -3.83
CA GLU B 110 -23.51 -41.13 -3.87
C GLU B 110 -24.28 -41.65 -5.07
N ALA B 111 -23.88 -41.21 -6.26
CA ALA B 111 -24.58 -41.55 -7.49
C ALA B 111 -24.58 -43.06 -7.79
N LEU B 112 -23.99 -43.84 -6.88
CA LEU B 112 -24.01 -45.32 -6.93
C LEU B 112 -24.98 -45.90 -5.93
N GLY B 113 -25.46 -45.06 -5.01
CA GLY B 113 -26.42 -45.49 -4.00
C GLY B 113 -25.80 -45.92 -2.68
N ILE B 114 -24.56 -46.41 -2.73
CA ILE B 114 -23.88 -46.82 -1.51
C ILE B 114 -23.13 -45.64 -0.88
N SER B 115 -22.56 -45.81 0.31
CA SER B 115 -21.92 -44.67 0.99
C SER B 115 -20.37 -44.70 0.97
N ARG B 116 -19.73 -43.61 1.43
CA ARG B 116 -18.26 -43.47 1.47
C ARG B 116 -17.55 -44.77 1.86
N ALA B 117 -17.75 -45.18 3.11
CA ALA B 117 -16.96 -46.20 3.75
C ALA B 117 -16.95 -47.50 2.95
N THR B 118 -18.13 -47.88 2.45
CA THR B 118 -18.28 -49.13 1.70
C THR B 118 -17.64 -49.08 0.33
N TYR B 119 -17.83 -47.98 -0.38
CA TYR B 119 -17.10 -47.71 -1.63
C TYR B 119 -15.61 -48.05 -1.48
N TYR B 120 -15.03 -47.64 -0.35
CA TYR B 120 -13.62 -47.90 -0.14
C TYR B 120 -13.36 -49.31 0.40
N ARG B 121 -14.30 -49.88 1.13
CA ARG B 121 -14.19 -51.28 1.48
C ARG B 121 -14.18 -52.11 0.18
N LYS B 122 -15.07 -51.76 -0.75
CA LYS B 122 -15.19 -52.45 -2.05
C LYS B 122 -13.91 -52.35 -2.88
N LEU B 123 -13.14 -51.31 -2.64
CA LEU B 123 -11.90 -51.06 -3.35
C LEU B 123 -10.77 -52.03 -3.02
N LYS B 124 -10.36 -52.08 -1.75
CA LYS B 124 -9.25 -52.93 -1.32
C LYS B 124 -9.60 -54.41 -1.51
S SO4 G . 21.89 16.70 0.50
O1 SO4 G . 21.27 16.01 -0.70
O2 SO4 G . 22.82 17.80 0.23
O3 SO4 G . 20.74 17.15 1.43
O4 SO4 G . 22.69 15.87 1.44
S SO4 H . 14.22 20.53 -12.32
O1 SO4 H . 13.29 20.77 -13.57
O2 SO4 H . 15.58 21.21 -12.34
O3 SO4 H . 13.33 20.98 -11.14
O4 SO4 H . 14.59 19.07 -12.24
S SO4 I . 14.91 17.42 -7.14
O1 SO4 I . 14.09 16.73 -8.19
O2 SO4 I . 16.07 18.36 -7.58
O3 SO4 I . 13.88 18.37 -6.43
O4 SO4 I . 15.65 16.46 -6.19
S SO4 J . 30.83 12.41 -18.48
O1 SO4 J . 30.63 13.31 -19.70
O2 SO4 J . 32.29 11.86 -18.40
O3 SO4 J . 30.55 13.29 -17.21
O4 SO4 J . 29.92 11.19 -18.71
S SO4 K . 13.80 -5.33 -16.48
O1 SO4 K . 13.67 -6.64 -17.25
O2 SO4 K . 15.14 -4.61 -16.76
O3 SO4 K . 12.54 -4.58 -16.99
O4 SO4 K . 13.93 -5.66 -14.95
#